data_3GPU
#
_entry.id   3GPU
#
_cell.length_a   45.218
_cell.length_b   93.294
_cell.length_c   104.972
_cell.angle_alpha   90.000
_cell.angle_beta   90.000
_cell.angle_gamma   90.000
#
_symmetry.space_group_name_H-M   'P 21 21 21'
#
loop_
_entity.id
_entity.type
_entity.pdbx_description
1 polymer 'DNA glycosylase'
2 polymer "DNA (5'-D(*AP*GP*GP*TP*AP*GP*AP*CP*TP*CP*GP*GP*AP*CP*GP*C)-3')"
3 polymer "DNA (5'-D(*TP*GP*CP*GP*TP*CP*CP*(8OG)P*AP*GP*TP*CP*TP*AP*CP*C)-3')"
4 non-polymer 'ZINC ION'
5 water water
#
loop_
_entity_poly.entity_id
_entity_poly.type
_entity_poly.pdbx_seq_one_letter_code
_entity_poly.pdbx_strand_id
1 'polypeptide(L)'
;PELPEVETIRRTLLPLIVGKTIEDVRIFWPNIIRHPRDSEAFAARMIGQTVRGLERRGKFLKFLLDRDALISHLRMEGRY
AVASALEPLEPHTHVVFCFTDGSELRYRDVRKFGTMHVYAKEEADRRPPLAELGPEPLSPAFSPAVLAERAVKTKRSVKA
LLLDCTVVAGFGNIYVDESLFRAGILPGRPAASLSSKEIERLHEEMVATIGEAVMKGQHHLYVYGRQGNPCKRCGTPIEK
TVVAGRGTHYCPRCQR
;
A
2 'polydeoxyribonucleotide' (DA)(DG)(DG)(DT)(DA)(DG)(DA)(DC)(DT)(DC)(DG)(DG)(DA)(DC)(DG)(DC) B
3 'polydeoxyribonucleotide' (DT)(DG)(DC)(DG)(DT)(DC)(DC)(8OG)(DA)(DG)(DT)(DC)(DT)(DA)(DC)(DC) C
#
loop_
_chem_comp.id
_chem_comp.type
_chem_comp.name
_chem_comp.formula
8OG DNA linking 8-OXO-2'-DEOXY-GUANOSINE-5'-MONOPHOSPHATE 'C10 H14 N5 O8 P'
DA DNA linking 2'-DEOXYADENOSINE-5'-MONOPHOSPHATE 'C10 H14 N5 O6 P'
DC DNA linking 2'-DEOXYCYTIDINE-5'-MONOPHOSPHATE 'C9 H14 N3 O7 P'
DG DNA linking 2'-DEOXYGUANOSINE-5'-MONOPHOSPHATE 'C10 H14 N5 O7 P'
DT DNA linking THYMIDINE-5'-MONOPHOSPHATE 'C10 H15 N2 O8 P'
ZN non-polymer 'ZINC ION' 'Zn 2'
#
# COMPACT_ATOMS: atom_id res chain seq x y z
N PRO A 1 7.52 0.25 -0.42
CA PRO A 1 7.04 1.63 -0.50
C PRO A 1 5.71 1.80 0.24
N GLU A 2 5.54 2.96 0.88
CA GLU A 2 4.29 3.28 1.54
C GLU A 2 3.32 3.90 0.54
N LEU A 3 2.08 4.13 0.96
CA LEU A 3 1.07 4.68 0.04
C LEU A 3 1.51 5.90 -0.79
N PRO A 4 2.11 6.93 -0.16
CA PRO A 4 2.52 8.09 -0.95
C PRO A 4 3.52 7.73 -2.05
N GLU A 5 4.43 6.80 -1.75
CA GLU A 5 5.42 6.37 -2.72
C GLU A 5 4.74 5.55 -3.82
N VAL A 6 3.75 4.73 -3.46
CA VAL A 6 3.00 3.97 -4.48
C VAL A 6 2.25 4.91 -5.42
N GLU A 7 1.68 5.99 -4.89
CA GLU A 7 1.06 7.02 -5.74
C GLU A 7 2.08 7.66 -6.69
N THR A 8 3.28 7.93 -6.19
CA THR A 8 4.35 8.49 -7.04
C THR A 8 4.71 7.50 -8.16
N ILE A 9 4.80 6.23 -7.81
CA ILE A 9 5.04 5.18 -8.81
C ILE A 9 3.91 5.17 -9.85
N ARG A 10 2.67 5.23 -9.39
CA ARG A 10 1.52 5.23 -10.32
C ARG A 10 1.65 6.36 -11.35
N ARG A 11 1.92 7.57 -10.85
N ARG A 11 1.87 7.58 -10.87
CA ARG A 11 1.96 8.77 -11.67
CA ARG A 11 1.95 8.74 -11.75
C ARG A 11 3.16 8.80 -12.62
C ARG A 11 3.14 8.66 -12.70
N THR A 12 4.29 8.26 -12.17
CA THR A 12 5.53 8.26 -12.96
C THR A 12 5.61 7.10 -13.94
N LEU A 13 5.07 5.94 -13.55
CA LEU A 13 5.17 4.74 -14.39
C LEU A 13 4.23 4.81 -15.59
N LEU A 14 3.03 5.35 -15.38
CA LEU A 14 1.99 5.33 -16.41
C LEU A 14 2.46 5.79 -17.81
N PRO A 15 3.05 7.00 -17.91
CA PRO A 15 3.47 7.46 -19.24
C PRO A 15 4.58 6.61 -19.88
N LEU A 16 5.30 5.86 -19.07
CA LEU A 16 6.39 5.01 -19.54
C LEU A 16 5.91 3.67 -20.14
N ILE A 17 4.64 3.34 -19.89
CA ILE A 17 4.12 2.05 -20.34
C ILE A 17 2.80 2.15 -21.12
N VAL A 18 2.08 3.25 -20.98
CA VAL A 18 0.80 3.35 -21.63
C VAL A 18 0.94 3.15 -23.14
N GLY A 19 0.02 2.39 -23.72
CA GLY A 19 0.00 2.14 -25.14
C GLY A 19 1.00 1.10 -25.65
N LYS A 20 1.81 0.54 -24.76
CA LYS A 20 2.72 -0.56 -25.14
C LYS A 20 2.01 -1.90 -25.11
N THR A 21 2.40 -2.79 -26.02
CA THR A 21 1.79 -4.11 -26.14
C THR A 21 2.72 -5.19 -25.62
N ILE A 22 2.18 -6.07 -24.78
CA ILE A 22 2.97 -7.13 -24.17
C ILE A 22 3.22 -8.21 -25.21
N GLU A 23 4.51 -8.52 -25.39
CA GLU A 23 4.93 -9.61 -26.30
C GLU A 23 5.32 -10.92 -25.58
N ASP A 24 5.81 -10.79 -24.35
CA ASP A 24 6.21 -11.95 -23.57
C ASP A 24 6.15 -11.56 -22.11
N VAL A 25 5.99 -12.55 -21.26
CA VAL A 25 6.04 -12.34 -19.82
C VAL A 25 6.97 -13.41 -19.28
N ARG A 26 8.04 -12.99 -18.60
CA ARG A 26 9.05 -13.95 -18.09
C ARG A 26 9.01 -13.93 -16.57
N ILE A 27 8.98 -15.12 -16.00
CA ILE A 27 8.76 -15.29 -14.56
C ILE A 27 9.89 -16.14 -13.98
N PHE A 28 10.63 -15.54 -13.06
CA PHE A 28 11.82 -16.16 -12.49
C PHE A 28 11.58 -16.65 -11.06
N TRP A 29 10.50 -16.19 -10.45
CA TRP A 29 10.03 -16.69 -9.16
C TRP A 29 8.52 -16.87 -9.24
N PRO A 30 8.06 -18.07 -9.62
CA PRO A 30 6.62 -18.28 -9.84
C PRO A 30 5.72 -17.94 -8.64
N ASN A 31 6.22 -18.08 -7.41
CA ASN A 31 5.39 -17.83 -6.22
C ASN A 31 4.83 -16.41 -6.08
N ILE A 32 5.44 -15.45 -6.78
CA ILE A 32 4.92 -14.07 -6.81
C ILE A 32 3.52 -14.10 -7.41
N ILE A 33 3.30 -15.00 -8.35
CA ILE A 33 2.03 -15.07 -9.08
C ILE A 33 1.01 -15.81 -8.24
N ARG A 34 -0.05 -15.08 -7.89
CA ARG A 34 -1.09 -15.66 -7.03
C ARG A 34 -2.38 -16.05 -7.77
N HIS A 35 -2.67 -15.37 -8.87
CA HIS A 35 -3.79 -15.75 -9.74
C HIS A 35 -3.54 -15.32 -11.18
N PRO A 36 -3.79 -16.22 -12.16
CA PRO A 36 -4.04 -17.66 -12.02
C PRO A 36 -2.93 -18.29 -11.18
N ARG A 37 -3.23 -19.40 -10.49
CA ARG A 37 -2.19 -19.97 -9.62
C ARG A 37 -1.00 -20.53 -10.42
N ASP A 38 -1.27 -20.90 -11.67
CA ASP A 38 -0.24 -21.40 -12.60
C ASP A 38 0.41 -20.22 -13.30
N SER A 39 1.70 -20.01 -13.03
CA SER A 39 2.42 -18.87 -13.61
C SER A 39 2.44 -18.92 -15.14
N GLU A 40 2.41 -20.11 -15.73
CA GLU A 40 2.32 -20.24 -17.18
C GLU A 40 1.02 -19.68 -17.75
N ALA A 41 -0.08 -19.82 -17.01
CA ALA A 41 -1.36 -19.27 -17.45
C ALA A 41 -1.36 -17.74 -17.32
N PHE A 42 -0.80 -17.26 -16.19
CA PHE A 42 -0.62 -15.82 -16.00
C PHE A 42 0.15 -15.22 -17.18
N ALA A 43 1.28 -15.79 -17.51
CA ALA A 43 2.09 -15.27 -18.61
C ALA A 43 1.33 -15.31 -19.95
N ALA A 44 0.74 -16.46 -20.25
CA ALA A 44 0.05 -16.69 -21.52
C ALA A 44 -1.07 -15.68 -21.75
N ARG A 45 -1.85 -15.39 -20.69
CA ARG A 45 -3.03 -14.55 -20.89
C ARG A 45 -2.69 -13.10 -21.14
N MET A 46 -1.53 -12.67 -20.67
CA MET A 46 -1.16 -11.25 -20.78
C MET A 46 -0.63 -10.90 -22.16
N ILE A 47 -0.07 -11.90 -22.81
CA ILE A 47 0.53 -11.72 -24.18
C ILE A 47 -0.50 -11.17 -25.16
N GLY A 48 -0.12 -10.12 -25.88
CA GLY A 48 -1.04 -9.51 -26.84
C GLY A 48 -1.87 -8.36 -26.33
N GLN A 49 -1.92 -8.19 -25.00
CA GLN A 49 -2.64 -7.08 -24.41
C GLN A 49 -1.81 -5.82 -24.34
N THR A 50 -2.49 -4.70 -24.54
CA THR A 50 -1.86 -3.39 -24.48
C THR A 50 -2.20 -2.72 -23.15
N VAL A 51 -1.23 -2.02 -22.58
CA VAL A 51 -1.44 -1.30 -21.33
C VAL A 51 -2.24 -0.02 -21.60
N ARG A 52 -3.37 0.11 -20.88
CA ARG A 52 -4.27 1.23 -21.11
C ARG A 52 -4.31 2.25 -19.97
N GLY A 53 -4.01 1.80 -18.75
CA GLY A 53 -4.05 2.70 -17.60
C GLY A 53 -3.36 2.11 -16.40
N LEU A 54 -3.26 2.93 -15.36
CA LEU A 54 -2.63 2.50 -14.11
C LEU A 54 -3.27 3.26 -12.98
N GLU A 55 -3.91 2.52 -12.09
CA GLU A 55 -4.60 3.12 -10.96
C GLU A 55 -4.00 2.62 -9.66
N ARG A 56 -4.32 3.29 -8.55
CA ARG A 56 -3.88 2.84 -7.24
C ARG A 56 -5.08 2.64 -6.33
N ARG A 57 -5.05 1.54 -5.57
N ARG A 57 -5.08 1.53 -5.59
CA ARG A 57 -6.01 1.32 -4.49
CA ARG A 57 -6.02 1.32 -4.50
C ARG A 57 -5.23 0.92 -3.24
C ARG A 57 -5.23 0.92 -3.24
N GLY A 58 -5.24 1.77 -2.22
CA GLY A 58 -4.39 1.55 -1.05
C GLY A 58 -2.94 1.55 -1.51
N LYS A 59 -2.21 0.48 -1.20
CA LYS A 59 -0.85 0.30 -1.72
C LYS A 59 -0.80 -0.62 -2.97
N PHE A 60 -1.96 -1.05 -3.46
CA PHE A 60 -2.01 -1.87 -4.69
C PHE A 60 -1.92 -0.99 -5.91
N LEU A 61 -1.15 -1.47 -6.91
CA LEU A 61 -1.22 -0.89 -8.24
C LEU A 61 -2.13 -1.76 -9.08
N LYS A 62 -3.00 -1.13 -9.87
CA LYS A 62 -3.91 -1.83 -10.76
C LYS A 62 -3.53 -1.42 -12.18
N PHE A 63 -2.85 -2.31 -12.90
CA PHE A 63 -2.52 -2.03 -14.29
C PHE A 63 -3.71 -2.46 -15.12
N LEU A 64 -4.25 -1.56 -15.93
CA LEU A 64 -5.41 -1.85 -16.76
C LEU A 64 -4.94 -2.17 -18.17
N LEU A 65 -5.27 -3.37 -18.65
CA LEU A 65 -4.87 -3.80 -20.00
C LEU A 65 -6.13 -3.82 -20.89
N ASP A 66 -6.10 -4.54 -22.00
CA ASP A 66 -7.29 -4.61 -22.85
C ASP A 66 -8.46 -5.35 -22.19
N ARG A 67 -8.22 -6.58 -21.76
CA ARG A 67 -9.26 -7.40 -21.17
C ARG A 67 -9.07 -7.53 -19.66
N ASP A 68 -7.81 -7.66 -19.28
CA ASP A 68 -7.44 -7.95 -17.90
C ASP A 68 -6.94 -6.75 -17.08
N ALA A 69 -7.00 -6.90 -15.76
CA ALA A 69 -6.28 -6.04 -14.81
C ALA A 69 -5.21 -6.87 -14.12
N LEU A 70 -4.01 -6.29 -13.99
CA LEU A 70 -2.95 -6.90 -13.17
C LEU A 70 -2.90 -6.10 -11.89
N ILE A 71 -3.10 -6.81 -10.77
CA ILE A 71 -3.06 -6.17 -9.44
C ILE A 71 -1.76 -6.55 -8.77
N SER A 72 -0.97 -5.54 -8.40
CA SER A 72 0.39 -5.79 -7.92
C SER A 72 0.58 -5.14 -6.54
N HIS A 73 1.22 -5.85 -5.62
CA HIS A 73 1.61 -5.26 -4.34
C HIS A 73 3.10 -5.44 -4.20
N LEU A 74 3.79 -4.35 -3.88
CA LEU A 74 5.27 -4.35 -3.83
C LEU A 74 5.83 -4.66 -2.44
N ARG A 75 4.94 -4.75 -1.46
CA ARG A 75 5.35 -4.90 -0.06
C ARG A 75 6.41 -3.83 0.33
N MET A 76 7.44 -4.16 1.10
CA MET A 76 8.33 -3.12 1.63
C MET A 76 9.40 -2.66 0.65
N GLU A 77 9.84 -3.56 -0.22
CA GLU A 77 11.06 -3.32 -0.99
C GLU A 77 10.92 -3.57 -2.49
N GLY A 78 9.73 -3.94 -2.94
CA GLY A 78 9.49 -4.16 -4.39
C GLY A 78 9.64 -2.88 -5.17
N ARG A 79 10.09 -3.00 -6.41
CA ARG A 79 10.29 -1.84 -7.26
C ARG A 79 9.97 -2.19 -8.71
N TYR A 80 9.44 -1.22 -9.44
CA TYR A 80 9.29 -1.34 -10.89
C TYR A 80 10.29 -0.45 -11.64
N ALA A 81 10.74 -0.91 -12.80
CA ALA A 81 11.60 -0.10 -13.69
C ALA A 81 11.21 -0.40 -15.12
N VAL A 82 11.35 0.59 -15.99
CA VAL A 82 11.20 0.40 -17.42
C VAL A 82 12.57 0.57 -18.06
N ALA A 83 13.00 -0.43 -18.82
CA ALA A 83 14.33 -0.40 -19.41
C ALA A 83 14.40 -1.27 -20.65
N SER A 84 15.55 -1.24 -21.31
CA SER A 84 15.73 -1.94 -22.59
C SER A 84 15.95 -3.45 -22.42
N ALA A 85 15.32 -4.22 -23.30
CA ALA A 85 15.54 -5.68 -23.38
C ALA A 85 16.98 -6.07 -23.72
N LEU A 86 17.76 -5.10 -24.21
CA LEU A 86 19.15 -5.39 -24.59
C LEU A 86 20.14 -5.38 -23.44
N GLU A 87 19.73 -4.82 -22.32
CA GLU A 87 20.63 -4.59 -21.19
C GLU A 87 20.43 -5.64 -20.10
N PRO A 88 21.47 -5.91 -19.30
CA PRO A 88 21.30 -6.98 -18.31
C PRO A 88 20.30 -6.58 -17.24
N LEU A 89 19.56 -7.56 -16.72
CA LEU A 89 18.61 -7.29 -15.64
C LEU A 89 19.31 -6.93 -14.32
N GLU A 90 18.66 -6.07 -13.52
CA GLU A 90 19.11 -5.78 -12.15
C GLU A 90 19.02 -7.04 -11.29
N PRO A 91 19.86 -7.14 -10.24
CA PRO A 91 19.67 -8.25 -9.32
C PRO A 91 18.27 -8.31 -8.73
N HIS A 92 17.82 -9.52 -8.42
CA HIS A 92 16.54 -9.77 -7.76
C HIS A 92 15.33 -9.42 -8.61
N THR A 93 15.48 -9.56 -9.93
CA THR A 93 14.34 -9.33 -10.84
C THR A 93 13.55 -10.62 -10.97
N HIS A 94 12.27 -10.57 -10.59
CA HIS A 94 11.46 -11.79 -10.53
C HIS A 94 10.43 -11.95 -11.62
N VAL A 95 9.97 -10.84 -12.20
CA VAL A 95 8.97 -10.87 -13.28
C VAL A 95 9.30 -9.75 -14.25
N VAL A 96 9.28 -10.08 -15.54
CA VAL A 96 9.50 -9.06 -16.58
C VAL A 96 8.38 -9.14 -17.61
N PHE A 97 7.80 -7.98 -17.92
CA PHE A 97 6.81 -7.88 -19.00
C PHE A 97 7.54 -7.25 -20.17
N CYS A 98 7.65 -8.01 -21.26
CA CYS A 98 8.40 -7.58 -22.44
C CYS A 98 7.44 -6.97 -23.41
N PHE A 99 7.72 -5.74 -23.86
CA PHE A 99 6.85 -5.09 -24.84
C PHE A 99 7.36 -5.21 -26.27
N THR A 100 6.47 -5.03 -27.23
CA THR A 100 6.83 -5.22 -28.65
C THR A 100 7.84 -4.18 -29.15
N ASP A 101 8.02 -3.10 -28.38
CA ASP A 101 8.97 -2.04 -28.76
C ASP A 101 10.38 -2.27 -28.18
N GLY A 102 10.62 -3.44 -27.59
CA GLY A 102 11.95 -3.75 -27.10
C GLY A 102 12.23 -3.21 -25.70
N SER A 103 11.23 -2.57 -25.09
CA SER A 103 11.34 -2.17 -23.69
C SER A 103 10.67 -3.21 -22.81
N GLU A 104 10.88 -3.08 -21.52
CA GLU A 104 10.40 -4.05 -20.54
C GLU A 104 9.96 -3.30 -19.30
N LEU A 105 8.91 -3.82 -18.66
CA LEU A 105 8.56 -3.42 -17.28
C LEU A 105 9.07 -4.52 -16.36
N ARG A 106 9.97 -4.17 -15.46
CA ARG A 106 10.64 -5.17 -14.61
C ARG A 106 10.22 -4.99 -13.17
N TYR A 107 9.87 -6.10 -12.51
CA TYR A 107 9.57 -6.12 -11.08
C TYR A 107 10.73 -6.76 -10.35
N ARG A 108 11.30 -6.05 -9.40
CA ARG A 108 12.40 -6.60 -8.61
C ARG A 108 12.10 -6.46 -7.14
N ASP A 109 12.66 -7.36 -6.36
CA ASP A 109 12.53 -7.22 -4.91
C ASP A 109 13.54 -8.10 -4.19
N VAL A 110 14.44 -7.46 -3.45
CA VAL A 110 15.43 -8.19 -2.65
C VAL A 110 14.74 -9.21 -1.73
N ARG A 111 13.55 -8.85 -1.22
CA ARG A 111 12.84 -9.68 -0.25
C ARG A 111 11.98 -10.73 -0.89
N LYS A 112 11.81 -10.62 -2.22
CA LYS A 112 11.05 -11.58 -3.00
C LYS A 112 9.71 -11.83 -2.32
N PHE A 113 8.98 -10.75 -1.99
CA PHE A 113 7.87 -10.78 -1.04
C PHE A 113 6.53 -10.29 -1.59
N GLY A 114 6.54 -9.74 -2.81
CA GLY A 114 5.31 -9.13 -3.34
C GLY A 114 4.37 -10.13 -4.00
N THR A 115 3.25 -9.62 -4.50
CA THR A 115 2.20 -10.45 -5.10
C THR A 115 1.69 -9.85 -6.41
N MET A 116 1.27 -10.74 -7.31
CA MET A 116 0.60 -10.36 -8.55
C MET A 116 -0.65 -11.23 -8.78
N HIS A 117 -1.77 -10.59 -9.09
CA HIS A 117 -3.00 -11.33 -9.46
C HIS A 117 -3.51 -10.74 -10.78
N VAL A 118 -3.98 -11.58 -11.68
CA VAL A 118 -4.61 -11.07 -12.92
C VAL A 118 -6.02 -11.66 -13.02
N TYR A 119 -6.99 -10.79 -13.27
CA TYR A 119 -8.38 -11.18 -13.54
C TYR A 119 -8.92 -10.30 -14.65
N ALA A 120 -10.01 -10.73 -15.29
CA ALA A 120 -10.77 -9.86 -16.20
C ALA A 120 -11.07 -8.56 -15.45
N LYS A 121 -10.95 -7.42 -16.13
CA LYS A 121 -11.07 -6.13 -15.41
C LYS A 121 -12.34 -6.02 -14.58
N GLU A 122 -13.45 -6.52 -15.11
CA GLU A 122 -14.76 -6.35 -14.50
C GLU A 122 -14.90 -7.16 -13.20
N GLU A 123 -13.94 -8.06 -12.99
CA GLU A 123 -13.90 -8.97 -11.86
C GLU A 123 -12.95 -8.53 -10.75
N ALA A 124 -11.94 -7.72 -11.10
CA ALA A 124 -10.82 -7.50 -10.19
C ALA A 124 -11.25 -6.95 -8.84
N ASP A 125 -12.19 -6.02 -8.85
CA ASP A 125 -12.57 -5.37 -7.59
C ASP A 125 -13.29 -6.30 -6.60
N ARG A 126 -13.84 -7.40 -7.11
N ARG A 126 -13.84 -7.42 -7.05
CA ARG A 126 -14.58 -8.39 -6.31
CA ARG A 126 -14.52 -8.32 -6.09
C ARG A 126 -13.82 -9.70 -6.13
C ARG A 126 -13.72 -9.58 -5.75
N ARG A 127 -12.49 -9.64 -6.25
CA ARG A 127 -11.60 -10.79 -6.00
C ARG A 127 -10.44 -10.37 -5.12
N PRO A 128 -9.74 -11.32 -4.48
CA PRO A 128 -8.52 -10.91 -3.79
C PRO A 128 -7.54 -10.37 -4.82
N PRO A 129 -6.68 -9.41 -4.44
CA PRO A 129 -6.53 -8.87 -3.09
C PRO A 129 -7.33 -7.59 -2.87
N LEU A 130 -8.15 -7.19 -3.84
CA LEU A 130 -8.88 -5.91 -3.73
C LEU A 130 -10.19 -6.04 -2.98
N ALA A 131 -10.79 -7.23 -3.04
CA ALA A 131 -12.03 -7.51 -2.33
C ALA A 131 -11.91 -7.08 -0.88
N GLU A 132 -12.91 -6.35 -0.42
CA GLU A 132 -13.00 -5.96 1.01
C GLU A 132 -12.12 -4.78 1.40
N LEU A 133 -11.30 -4.29 0.47
CA LEU A 133 -10.44 -3.14 0.79
C LEU A 133 -11.29 -1.94 1.20
N GLY A 134 -10.90 -1.31 2.31
CA GLY A 134 -11.60 -0.14 2.81
C GLY A 134 -11.38 1.11 1.97
N PRO A 135 -11.99 2.24 2.38
CA PRO A 135 -11.94 3.45 1.57
C PRO A 135 -10.55 4.09 1.55
N GLU A 136 -10.27 4.86 0.49
CA GLU A 136 -9.04 5.64 0.42
C GLU A 136 -9.02 6.64 1.57
N PRO A 137 -7.86 6.76 2.27
CA PRO A 137 -7.80 7.66 3.43
C PRO A 137 -8.06 9.14 3.06
N LEU A 138 -7.77 9.50 1.80
CA LEU A 138 -7.97 10.88 1.34
C LEU A 138 -9.31 11.09 0.63
N SER A 139 -10.19 10.09 0.73
CA SER A 139 -11.51 10.19 0.10
C SER A 139 -12.59 10.57 1.11
N PRO A 140 -13.67 11.23 0.64
CA PRO A 140 -14.76 11.54 1.56
C PRO A 140 -15.43 10.28 2.12
N ALA A 141 -15.21 9.13 1.47
CA ALA A 141 -15.75 7.86 1.96
C ALA A 141 -15.07 7.42 3.27
N PHE A 142 -13.85 7.89 3.50
CA PHE A 142 -13.22 7.66 4.79
C PHE A 142 -13.54 8.86 5.67
N SER A 143 -14.57 8.71 6.50
CA SER A 143 -15.09 9.78 7.34
C SER A 143 -14.95 9.47 8.83
N PRO A 144 -15.07 10.49 9.69
CA PRO A 144 -15.10 10.18 11.13
C PRO A 144 -16.21 9.19 11.49
N ALA A 145 -17.38 9.29 10.84
CA ALA A 145 -18.48 8.39 11.13
C ALA A 145 -18.12 6.92 10.86
N VAL A 146 -17.48 6.68 9.72
CA VAL A 146 -17.05 5.34 9.32
C VAL A 146 -16.03 4.80 10.33
N LEU A 147 -15.09 5.66 10.71
CA LEU A 147 -14.06 5.29 11.67
C LEU A 147 -14.69 4.98 13.04
N ALA A 148 -15.59 5.86 13.51
CA ALA A 148 -16.29 5.63 14.78
C ALA A 148 -17.10 4.32 14.82
N GLU A 149 -17.78 4.00 13.72
CA GLU A 149 -18.60 2.79 13.64
C GLU A 149 -17.74 1.53 13.75
N ARG A 150 -16.58 1.54 13.10
CA ARG A 150 -15.64 0.41 13.20
C ARG A 150 -15.03 0.32 14.61
N ALA A 151 -14.74 1.48 15.19
CA ALA A 151 -14.08 1.54 16.50
C ALA A 151 -14.95 1.00 17.64
N VAL A 152 -16.23 1.35 17.66
CA VAL A 152 -17.13 0.91 18.74
C VAL A 152 -17.42 -0.59 18.73
N LYS A 153 -17.26 -1.20 17.55
CA LYS A 153 -17.63 -2.60 17.31
C LYS A 153 -16.54 -3.63 17.64
N THR A 154 -15.34 -3.15 17.97
CA THR A 154 -14.18 -4.02 18.15
C THR A 154 -13.62 -3.97 19.56
N LYS A 155 -13.01 -5.08 20.00
CA LYS A 155 -12.26 -5.08 21.25
C LYS A 155 -10.78 -4.74 21.03
N ARG A 156 -10.38 -4.58 19.77
CA ARG A 156 -8.98 -4.39 19.41
C ARG A 156 -8.45 -3.00 19.76
N SER A 157 -7.13 -2.84 19.73
CA SER A 157 -6.51 -1.53 20.00
C SER A 157 -6.78 -0.58 18.83
N VAL A 158 -6.66 0.72 19.06
CA VAL A 158 -6.81 1.67 17.96
C VAL A 158 -5.74 1.46 16.87
N LYS A 159 -4.53 1.07 17.26
CA LYS A 159 -3.50 0.75 16.25
C LYS A 159 -3.88 -0.42 15.35
N ALA A 160 -4.30 -1.52 15.96
CA ALA A 160 -4.80 -2.66 15.20
C ALA A 160 -5.91 -2.27 14.21
N LEU A 161 -6.83 -1.43 14.66
CA LEU A 161 -7.93 -0.95 13.82
C LEU A 161 -7.42 -0.21 12.58
N LEU A 162 -6.48 0.71 12.79
CA LEU A 162 -5.96 1.52 11.69
C LEU A 162 -5.15 0.71 10.69
N LEU A 163 -4.56 -0.39 11.16
CA LEU A 163 -3.75 -1.27 10.33
C LEU A 163 -4.61 -2.22 9.48
N ASP A 164 -5.89 -2.28 9.83
CA ASP A 164 -6.85 -3.19 9.18
C ASP A 164 -7.22 -2.65 7.81
N CYS A 165 -6.82 -3.37 6.75
CA CYS A 165 -7.06 -2.94 5.37
C CYS A 165 -8.55 -2.74 5.06
N THR A 166 -9.43 -3.39 5.84
CA THR A 166 -10.87 -3.26 5.60
C THR A 166 -11.42 -1.95 6.19
N VAL A 167 -10.64 -1.33 7.07
CA VAL A 167 -11.08 -0.10 7.75
C VAL A 167 -10.71 1.09 6.87
N VAL A 168 -9.48 1.08 6.40
CA VAL A 168 -8.95 2.16 5.57
C VAL A 168 -7.84 1.56 4.70
N ALA A 169 -7.79 1.97 3.45
CA ALA A 169 -6.88 1.32 2.49
C ALA A 169 -5.42 1.76 2.57
N GLY A 170 -4.53 0.82 2.91
CA GLY A 170 -3.09 1.03 2.72
C GLY A 170 -2.41 2.01 3.66
N PHE A 171 -2.95 2.15 4.86
CA PHE A 171 -2.39 3.04 5.88
C PHE A 171 -1.33 2.28 6.66
N GLY A 172 -0.08 2.59 6.40
CA GLY A 172 1.00 1.72 6.88
C GLY A 172 1.40 1.98 8.33
N ASN A 173 2.25 1.12 8.85
CA ASN A 173 2.77 1.22 10.23
C ASN A 173 3.31 2.61 10.55
N ILE A 174 4.14 3.14 9.66
CA ILE A 174 4.71 4.47 9.87
C ILE A 174 3.64 5.56 10.05
N TYR A 175 2.65 5.59 9.15
CA TYR A 175 1.61 6.61 9.22
C TYR A 175 0.63 6.41 10.37
N VAL A 176 0.40 5.15 10.76
CA VAL A 176 -0.39 4.87 11.96
C VAL A 176 0.27 5.50 13.18
N ASP A 177 1.56 5.24 13.37
CA ASP A 177 2.27 5.79 14.54
C ASP A 177 2.33 7.31 14.51
N GLU A 178 2.66 7.89 13.33
CA GLU A 178 2.69 9.36 13.19
C GLU A 178 1.34 10.01 13.45
N SER A 179 0.28 9.41 12.90
CA SER A 179 -1.08 9.96 13.04
C SER A 179 -1.55 9.93 14.48
N LEU A 180 -1.28 8.82 15.16
CA LEU A 180 -1.67 8.66 16.57
C LEU A 180 -0.91 9.68 17.44
N PHE A 181 0.37 9.89 17.17
CA PHE A 181 1.13 10.92 17.87
C PHE A 181 0.51 12.30 17.66
N ARG A 182 0.24 12.63 16.40
CA ARG A 182 -0.28 13.96 16.08
C ARG A 182 -1.67 14.19 16.70
N ALA A 183 -2.43 13.10 16.88
CA ALA A 183 -3.76 13.14 17.48
C ALA A 183 -3.72 13.06 19.01
N GLY A 184 -2.56 12.74 19.58
CA GLY A 184 -2.41 12.66 21.04
C GLY A 184 -3.04 11.43 21.68
N ILE A 185 -3.07 10.34 20.93
CA ILE A 185 -3.74 9.11 21.36
C ILE A 185 -2.72 7.98 21.45
N LEU A 186 -2.68 7.26 22.58
CA LEU A 186 -1.78 6.11 22.69
C LEU A 186 -2.22 4.98 21.76
N PRO A 187 -1.25 4.34 21.07
CA PRO A 187 -1.59 3.27 20.11
C PRO A 187 -2.25 2.03 20.74
N GLY A 188 -1.97 1.78 22.00
CA GLY A 188 -2.50 0.62 22.71
C GLY A 188 -3.88 0.83 23.30
N ARG A 189 -4.42 2.05 23.16
CA ARG A 189 -5.77 2.36 23.62
C ARG A 189 -6.76 1.42 22.94
N PRO A 190 -7.72 0.84 23.70
CA PRO A 190 -8.80 0.15 22.99
C PRO A 190 -9.51 1.12 22.05
N ALA A 191 -9.78 0.68 20.82
CA ALA A 191 -10.45 1.54 19.82
C ALA A 191 -11.79 2.05 20.34
N ALA A 192 -12.49 1.18 21.08
CA ALA A 192 -13.81 1.52 21.60
C ALA A 192 -13.76 2.53 22.74
N SER A 193 -12.56 2.81 23.26
CA SER A 193 -12.37 3.76 24.36
C SER A 193 -12.24 5.22 23.86
N LEU A 194 -12.10 5.38 22.54
CA LEU A 194 -11.97 6.73 22.00
C LEU A 194 -13.29 7.49 22.02
N SER A 195 -13.22 8.74 22.47
CA SER A 195 -14.38 9.64 22.44
C SER A 195 -14.63 10.12 21.01
N SER A 196 -15.80 10.70 20.78
CA SER A 196 -16.11 11.31 19.48
C SER A 196 -15.08 12.39 19.13
N LYS A 197 -14.69 13.17 20.12
CA LYS A 197 -13.65 14.18 19.94
C LYS A 197 -12.34 13.55 19.48
N GLU A 198 -11.94 12.45 20.14
CA GLU A 198 -10.71 11.76 19.77
C GLU A 198 -10.78 11.15 18.37
N ILE A 199 -11.93 10.57 18.03
CA ILE A 199 -12.13 10.02 16.68
C ILE A 199 -12.01 11.12 15.61
N GLU A 200 -12.65 12.26 15.86
CA GLU A 200 -12.62 13.38 14.91
C GLU A 200 -11.17 13.86 14.72
N ARG A 201 -10.44 14.02 15.83
CA ARG A 201 -9.06 14.46 15.80
C ARG A 201 -8.18 13.43 15.07
N LEU A 202 -8.40 12.15 15.39
CA LEU A 202 -7.65 11.08 14.71
C LEU A 202 -7.87 11.10 13.21
N HIS A 203 -9.12 11.18 12.78
CA HIS A 203 -9.40 11.24 11.36
C HIS A 203 -8.70 12.43 10.71
N GLU A 204 -8.79 13.59 11.35
CA GLU A 204 -8.14 14.81 10.89
C GLU A 204 -6.64 14.63 10.69
N GLU A 205 -6.00 14.02 11.67
CA GLU A 205 -4.54 13.84 11.61
C GLU A 205 -4.12 12.77 10.61
N MET A 206 -4.94 11.73 10.46
CA MET A 206 -4.67 10.71 9.43
C MET A 206 -4.65 11.33 8.04
N VAL A 207 -5.66 12.14 7.75
CA VAL A 207 -5.76 12.81 6.46
C VAL A 207 -4.59 13.79 6.26
N ALA A 208 -4.27 14.57 7.30
CA ALA A 208 -3.18 15.54 7.21
C ALA A 208 -1.83 14.83 7.00
N THR A 209 -1.61 13.75 7.74
CA THR A 209 -0.32 13.05 7.71
C THR A 209 -0.08 12.45 6.33
N ILE A 210 -1.08 11.75 5.82
CA ILE A 210 -0.89 11.09 4.54
C ILE A 210 -1.01 12.08 3.37
N GLY A 211 -1.85 13.11 3.54
CA GLY A 211 -1.98 14.19 2.56
C GLY A 211 -0.69 14.97 2.37
N GLU A 212 -0.04 15.29 3.49
CA GLU A 212 1.25 15.99 3.46
C GLU A 212 2.33 15.15 2.77
N ALA A 213 2.32 13.84 3.02
CA ALA A 213 3.29 12.94 2.43
C ALA A 213 3.11 12.75 0.92
N VAL A 214 1.87 12.81 0.44
CA VAL A 214 1.61 12.70 -1.01
C VAL A 214 1.92 14.00 -1.74
N MET A 215 1.84 15.11 -1.02
CA MET A 215 2.10 16.43 -1.57
C MET A 215 3.55 16.84 -1.32
N LEU A 221 9.56 13.19 10.63
CA LEU A 221 8.87 12.24 11.50
C LEU A 221 8.93 12.70 12.95
N TYR A 222 7.84 12.48 13.68
CA TYR A 222 7.78 12.80 15.11
C TYR A 222 8.19 11.62 15.99
N VAL A 223 7.82 10.41 15.60
CA VAL A 223 8.03 9.25 16.47
C VAL A 223 8.63 8.02 15.78
N TYR A 224 8.26 7.77 14.52
CA TYR A 224 8.65 6.52 13.90
C TYR A 224 10.17 6.42 13.76
N GLY A 225 10.72 5.34 14.34
CA GLY A 225 12.17 5.09 14.36
C GLY A 225 12.97 6.02 15.26
N ARG A 226 12.29 6.80 16.08
CA ARG A 226 12.96 7.81 16.90
C ARG A 226 13.09 7.39 18.37
N GLN A 227 12.91 6.10 18.68
CA GLN A 227 12.99 5.65 20.07
C GLN A 227 14.31 6.08 20.70
N GLY A 228 14.21 6.54 21.94
CA GLY A 228 15.38 7.00 22.68
C GLY A 228 15.77 8.45 22.43
N ASN A 229 15.19 9.05 21.39
CA ASN A 229 15.44 10.46 21.09
C ASN A 229 14.33 11.34 21.64
N PRO A 230 14.61 12.64 21.87
CA PRO A 230 13.58 13.51 22.45
C PRO A 230 12.40 13.74 21.52
N CYS A 231 11.21 13.77 22.11
CA CYS A 231 10.03 14.21 21.39
C CYS A 231 10.26 15.63 20.87
N LYS A 232 9.90 15.86 19.60
CA LYS A 232 10.05 17.18 18.98
C LYS A 232 9.09 18.23 19.54
N ARG A 233 8.08 17.77 20.27
CA ARG A 233 7.05 18.67 20.83
C ARG A 233 7.25 18.93 22.32
N CYS A 234 7.76 17.94 23.07
CA CYS A 234 7.86 18.07 24.53
C CYS A 234 9.19 17.65 25.12
N GLY A 235 10.06 17.02 24.34
CA GLY A 235 11.39 16.62 24.83
C GLY A 235 11.50 15.30 25.56
N THR A 236 10.36 14.68 25.84
CA THR A 236 10.30 13.37 26.52
C THR A 236 10.85 12.33 25.56
N PRO A 237 11.72 11.41 26.05
CA PRO A 237 12.19 10.35 25.16
C PRO A 237 11.07 9.52 24.51
N ILE A 238 11.17 9.36 23.19
CA ILE A 238 10.23 8.51 22.45
C ILE A 238 10.46 7.05 22.87
N GLU A 239 9.38 6.31 23.04
CA GLU A 239 9.47 4.92 23.43
C GLU A 239 9.04 4.02 22.29
N LYS A 240 9.51 2.77 22.33
CA LYS A 240 9.08 1.78 21.36
C LYS A 240 8.65 0.51 22.09
N THR A 241 7.50 -0.01 21.71
CA THR A 241 6.96 -1.24 22.26
C THR A 241 6.36 -2.07 21.11
N VAL A 242 5.77 -3.22 21.43
CA VAL A 242 5.01 -3.98 20.43
C VAL A 242 3.52 -3.81 20.71
N VAL A 243 2.78 -3.37 19.70
CA VAL A 243 1.33 -3.23 19.76
C VAL A 243 0.78 -3.76 18.46
N ALA A 244 -0.26 -4.60 18.54
CA ALA A 244 -0.85 -5.20 17.33
C ALA A 244 0.18 -5.94 16.48
N GLY A 245 1.16 -6.55 17.13
CA GLY A 245 2.19 -7.35 16.45
C GLY A 245 3.22 -6.53 15.68
N ARG A 246 3.29 -5.23 15.96
CA ARG A 246 4.17 -4.31 15.23
C ARG A 246 5.04 -3.47 16.16
N GLY A 247 6.25 -3.17 15.71
CA GLY A 247 7.05 -2.11 16.32
C GLY A 247 6.21 -0.84 16.39
N THR A 248 6.16 -0.23 17.57
CA THR A 248 5.23 0.86 17.82
C THR A 248 5.94 1.95 18.59
N HIS A 249 5.90 3.15 18.03
CA HIS A 249 6.64 4.29 18.56
C HIS A 249 5.67 5.33 19.07
N TYR A 250 5.94 5.90 20.24
CA TYR A 250 5.01 6.88 20.80
C TYR A 250 5.71 7.77 21.82
N CYS A 251 5.13 8.95 22.05
CA CYS A 251 5.57 9.79 23.16
C CYS A 251 4.62 9.57 24.32
N PRO A 252 5.15 9.12 25.49
CA PRO A 252 4.25 8.83 26.59
C PRO A 252 3.68 10.07 27.29
N ARG A 253 4.17 11.26 26.95
CA ARG A 253 3.58 12.50 27.47
C ARG A 253 2.52 13.10 26.54
N CYS A 254 2.85 13.21 25.25
CA CYS A 254 1.93 13.83 24.27
C CYS A 254 0.72 12.96 24.00
N GLN A 255 0.90 11.65 24.15
CA GLN A 255 -0.16 10.69 23.81
C GLN A 255 -0.77 10.10 25.06
N ARG A 256 -2.11 10.04 25.09
CA ARG A 256 -2.89 9.61 26.26
C ARG A 256 -3.97 8.60 25.91
P 8OG C 8 7.77 -4.64 12.68
OP1 8OG C 8 8.45 -3.37 13.02
OP2 8OG C 8 6.95 -5.36 13.67
O5' 8OG C 8 6.88 -4.59 11.31
C5' 8OG C 8 6.87 -3.49 10.40
C4' 8OG C 8 6.63 -3.96 8.97
O4' 8OG C 8 7.32 -5.23 8.81
C3' 8OG C 8 5.19 -4.23 8.53
O3' 8OG C 8 4.65 -3.04 7.91
C2' 8OG C 8 5.35 -5.33 7.48
C1' 8OG C 8 6.74 -5.92 7.72
N9 8OG C 8 6.78 -7.32 8.14
C8 8OG C 8 6.05 -7.86 9.17
N7 8OG C 8 6.38 -9.11 9.28
C5 8OG C 8 7.33 -9.44 8.32
C6 8OG C 8 8.01 -10.65 7.98
O6 8OG C 8 7.93 -11.76 8.49
N1 8OG C 8 8.89 -10.48 6.90
C2 8OG C 8 9.10 -9.30 6.24
N2 8OG C 8 9.99 -9.30 5.23
N3 8OG C 8 8.46 -8.17 6.56
C4 8OG C 8 7.59 -8.30 7.60
O8 8OG C 8 5.25 -7.23 9.88
ZN ZN D . 5.93 14.53 23.45
#